data_2M5Q
#
_entry.id   2M5Q
#
loop_
_entity.id
_entity.type
_entity.pdbx_description
1 polymer Glucagon
2 non-polymer 'GAMMA-L-GLUTAMIC ACID'
3 non-polymer 'PALMITIC ACID'
#
_entity_poly.entity_id   1
_entity_poly.type   'polypeptide(L)'
_entity_poly.pdbx_seq_one_letter_code
;H(AIB)QGTFTSDYSKKLD(AIB)RRAQDFVQWLMNT(NH2)
;
_entity_poly.pdbx_strand_id   X
#
loop_
_chem_comp.id
_chem_comp.type
_chem_comp.name
_chem_comp.formula
GGL L-gamma-peptide, C-delta linking 'GAMMA-L-GLUTAMIC ACID' 'C5 H9 N O4'
NH2 non-polymer 'AMINO GROUP' 'H2 N'
PLM non-polymer 'PALMITIC ACID' 'C16 H32 O2'
#
# COMPACT_ATOMS: atom_id res chain seq x y z
N HIS A 1 8.52 14.73 7.76
CA HIS A 1 8.52 14.14 9.12
C HIS A 1 9.17 12.75 9.08
N AIB A 2 9.78 12.36 10.18
CA AIB A 2 10.43 11.05 10.25
C AIB A 2 11.19 10.76 8.95
O AIB A 2 11.06 9.67 8.38
CB1 AIB A 2 9.39 9.96 10.50
CB2 AIB A 2 11.43 11.05 11.42
H AIB A 2 9.80 12.95 10.96
HB11 AIB A 2 8.53 10.15 9.87
HB12 AIB A 2 9.09 9.98 11.54
HB13 AIB A 2 9.81 9.00 10.26
HB21 AIB A 2 12.37 10.61 11.09
HB22 AIB A 2 11.03 10.46 12.23
HB23 AIB A 2 11.60 12.06 11.74
N GLN A 3 11.97 11.73 8.49
CA GLN A 3 12.73 11.56 7.26
C GLN A 3 13.58 10.29 7.32
N GLY A 4 13.64 9.69 8.52
CA GLY A 4 14.42 8.47 8.71
C GLY A 4 13.51 7.28 8.98
N THR A 5 12.24 7.56 9.22
CA THR A 5 11.27 6.50 9.48
C THR A 5 9.98 6.74 8.72
N PHE A 6 10.06 7.58 7.68
CA PHE A 6 8.88 7.89 6.86
C PHE A 6 8.96 7.17 5.53
N THR A 7 10.15 6.64 5.21
CA THR A 7 10.34 5.93 3.96
C THR A 7 10.36 4.43 4.19
N SER A 8 11.43 3.95 4.82
CA SER A 8 11.56 2.52 5.09
C SER A 8 10.28 1.98 5.75
N ASP A 9 9.91 2.58 6.88
CA ASP A 9 8.71 2.15 7.58
C ASP A 9 7.45 2.59 6.84
N TYR A 10 7.51 2.53 5.51
CA TYR A 10 6.37 2.93 4.69
C TYR A 10 6.34 2.13 3.40
N SER A 11 6.91 0.93 3.45
CA SER A 11 6.94 0.05 2.28
C SER A 11 6.19 -1.24 2.55
N LYS A 12 5.48 -1.28 3.68
CA LYS A 12 4.72 -2.47 4.05
C LYS A 12 3.29 -2.10 4.41
N LYS A 13 2.78 -1.05 3.76
CA LYS A 13 1.41 -0.59 4.01
C LYS A 13 0.69 -0.35 2.70
N LEU A 14 1.00 0.75 2.03
CA LEU A 14 0.37 1.07 0.77
C LEU A 14 0.29 -0.16 -0.12
N ASP A 15 1.38 -0.93 -0.14
CA ASP A 15 1.42 -2.15 -0.93
C ASP A 15 0.63 -3.25 -0.23
N AIB A 16 -0.56 -2.87 0.23
CA AIB A 16 -1.45 -3.79 0.95
C AIB A 16 -2.68 -3.03 1.41
O AIB A 16 -3.74 -3.60 1.64
CB1 AIB A 16 -1.89 -4.92 0.00
CB2 AIB A 16 -0.72 -4.40 2.14
H AIB A 16 -0.85 -1.94 0.11
HB11 AIB A 16 -1.03 -5.33 -0.51
HB12 AIB A 16 -2.59 -4.52 -0.73
HB13 AIB A 16 -2.37 -5.70 0.57
HB21 AIB A 16 -0.05 -5.16 1.81
HB22 AIB A 16 -1.45 -4.82 2.82
HB23 AIB A 16 -0.17 -3.62 2.66
N ARG A 17 -2.52 -1.71 1.53
CA ARG A 17 -3.60 -0.84 1.95
C ARG A 17 -4.01 0.04 0.78
N ARG A 18 -3.14 0.10 -0.22
CA ARG A 18 -3.41 0.86 -1.43
C ARG A 18 -3.39 -0.10 -2.60
N ALA A 19 -3.29 -1.37 -2.24
CA ALA A 19 -3.26 -2.44 -3.22
C ALA A 19 -4.39 -3.43 -2.98
N GLN A 20 -4.64 -3.72 -1.71
CA GLN A 20 -5.71 -4.67 -1.36
C GLN A 20 -7.07 -4.07 -1.71
N ASP A 21 -7.46 -3.02 -1.00
CA ASP A 21 -8.73 -2.37 -1.26
C ASP A 21 -8.88 -2.08 -2.75
N PHE A 22 -7.76 -1.81 -3.40
CA PHE A 22 -7.76 -1.52 -4.83
C PHE A 22 -7.92 -2.79 -5.65
N VAL A 23 -6.86 -3.60 -5.69
CA VAL A 23 -6.90 -4.85 -6.45
C VAL A 23 -8.07 -5.72 -6.00
N GLN A 24 -8.83 -5.25 -5.02
CA GLN A 24 -9.97 -5.99 -4.51
C GLN A 24 -11.20 -5.76 -5.39
N TRP A 25 -11.26 -4.61 -6.03
CA TRP A 25 -12.38 -4.30 -6.91
C TRP A 25 -11.97 -4.53 -8.34
N LEU A 26 -10.72 -4.21 -8.64
CA LEU A 26 -10.21 -4.37 -9.99
C LEU A 26 -10.48 -5.79 -10.47
N MET A 27 -10.39 -6.75 -9.54
CA MET A 27 -10.63 -8.16 -9.90
C MET A 27 -12.06 -8.56 -9.59
N ASN A 28 -12.90 -7.57 -9.28
CA ASN A 28 -14.30 -7.85 -8.97
C ASN A 28 -15.18 -7.55 -10.18
N THR A 29 -14.55 -7.21 -11.30
CA THR A 29 -15.28 -6.91 -12.52
C THR A 29 -14.60 -7.54 -13.73
N NH2 A 30 -15.03 -7.25 -14.93
HN1 NH2 A 30 -15.78 -6.64 -15.05
HN2 NH2 A 30 -14.60 -7.67 -15.71
N GGL B . 3.90 2.50 9.61
CA GGL B . 3.23 3.39 8.67
C GGL B . 3.97 4.73 8.58
O GGL B . 3.73 5.57 9.41
CB GGL B . 1.79 3.64 9.13
CG GGL B . 1.11 4.61 8.16
CD GGL B . -0.38 4.31 8.09
OE1 GGL B . -1.22 5.17 8.38
OXT GGL B . 4.79 4.86 7.68
H GGL B . 4.80 2.73 9.93
HA GGL B . 3.21 2.93 7.70
HB2 GGL B . 1.79 4.06 10.12
HB3 GGL B . 1.25 2.70 9.14
HG2 GGL B . 1.25 5.63 8.53
HG3 GGL B . 1.55 4.52 7.18
N GGL C . 1.33 1.90 11.75
CA GGL C . 2.24 2.48 12.74
C GGL C . 2.12 4.01 12.74
O GGL C . 1.07 4.50 12.33
CB GGL C . 3.69 2.09 12.41
CG GGL C . 3.71 0.92 11.44
CD GGL C . 3.31 1.39 10.04
OE1 GGL C . 2.53 0.73 9.35
OXT GGL C . 3.03 4.66 13.20
H GGL C . 1.50 2.03 10.80
HA GGL C . 1.99 2.11 13.71
HB2 GGL C . 4.19 2.94 11.97
HB3 GGL C . 4.19 1.81 13.32
HG2 GGL C . 4.70 0.49 11.41
HG3 GGL C . 3.00 0.16 11.77
C1 PLM D . 0.25 1.23 12.14
O2 PLM D . 0.21 0.54 13.15
C2 PLM D . -0.97 1.34 11.22
C3 PLM D . -1.45 2.79 11.17
C4 PLM D . -2.73 2.87 10.33
C5 PLM D . -3.28 4.30 10.36
C6 PLM D . -4.12 4.55 9.10
C7 PLM D . -4.78 5.92 9.20
C8 PLM D . -5.01 6.48 7.79
C9 PLM D . -3.72 7.14 7.29
CA PLM D . -3.56 6.86 5.80
CB PLM D . -2.30 7.56 5.27
CC PLM D . -2.04 7.14 3.83
CD PLM D . -1.19 5.87 3.80
CE PLM D . -1.52 5.05 2.55
CF PLM D . -2.77 4.20 2.81
CG PLM D . -3.62 4.12 1.53
H21 PLM D . -0.70 1.02 10.23
H22 PLM D . -1.76 0.71 11.60
H31 PLM D . -1.67 3.14 12.17
H32 PLM D . -0.69 3.41 10.72
H41 PLM D . -3.47 2.19 10.73
H42 PLM D . -2.52 2.58 9.31
H51 PLM D . -3.89 4.43 11.23
H52 PLM D . -2.46 5.00 10.39
H61 PLM D . -4.87 3.79 9.02
H62 PLM D . -3.49 4.51 8.23
H71 PLM D . -5.74 5.83 9.70
H72 PLM D . -4.15 6.59 9.76
H81 PLM D . -5.80 7.22 7.82
H82 PLM D . -5.29 5.68 7.12
H91 PLM D . -3.78 8.21 7.45
H92 PLM D . -2.87 6.75 7.82
HA1 PLM D . -3.47 5.79 5.63
HA2 PLM D . -4.42 7.23 5.26
HB1 PLM D . -1.45 7.28 5.89
HB2 PLM D . -2.44 8.63 5.32
HC1 PLM D . -2.98 6.94 3.34
HC2 PLM D . -1.52 7.93 3.31
HD1 PLM D . -0.15 6.13 3.78
HD2 PLM D . -1.39 5.28 4.68
HE1 PLM D . -0.70 4.40 2.31
HE2 PLM D . -1.72 5.72 1.72
HF1 PLM D . -2.47 3.21 3.11
HF2 PLM D . -3.36 4.65 3.60
HG1 PLM D . -4.26 3.25 1.58
HG2 PLM D . -4.21 5.02 1.44
HG3 PLM D . -2.96 4.04 0.68
N HIS A 1 15.60 10.89 -4.91
CA HIS A 1 16.55 9.77 -5.12
C HIS A 1 15.84 8.44 -4.83
N AIB A 2 14.67 8.54 -4.20
CA AIB A 2 13.90 7.34 -3.86
C AIB A 2 14.67 6.48 -2.86
O AIB A 2 15.52 6.97 -2.13
CB1 AIB A 2 13.64 6.52 -5.13
CB2 AIB A 2 12.56 7.75 -3.26
H AIB A 2 14.32 9.42 -3.96
HB11 AIB A 2 13.75 7.16 -6.00
HB12 AIB A 2 12.63 6.13 -5.11
HB13 AIB A 2 14.34 5.71 -5.19
HB21 AIB A 2 12.56 8.81 -3.07
HB22 AIB A 2 12.41 7.22 -2.32
HB23 AIB A 2 11.76 7.50 -3.94
N GLN A 3 14.36 5.19 -2.84
CA GLN A 3 15.02 4.26 -1.92
C GLN A 3 14.92 4.78 -0.49
N GLY A 4 15.83 5.67 -0.12
CA GLY A 4 15.83 6.23 1.23
C GLY A 4 14.48 6.88 1.53
N THR A 5 13.62 6.94 0.52
CA THR A 5 12.30 7.53 0.68
C THR A 5 11.25 6.65 0.02
N PHE A 6 11.70 5.62 -0.68
CA PHE A 6 10.79 4.69 -1.34
C PHE A 6 11.24 3.25 -1.15
N THR A 7 10.39 2.30 -1.52
CA THR A 7 10.72 0.89 -1.39
C THR A 7 10.52 0.44 0.06
N SER A 8 11.23 1.08 0.98
CA SER A 8 11.11 0.73 2.39
C SER A 8 9.65 0.77 2.84
N ASP A 9 9.11 1.97 2.93
CA ASP A 9 7.71 2.14 3.34
C ASP A 9 6.79 1.28 2.49
N TYR A 10 6.98 1.35 1.17
CA TYR A 10 6.17 0.58 0.25
C TYR A 10 6.44 -0.91 0.41
N SER A 11 5.84 -1.72 -0.46
CA SER A 11 6.03 -3.17 -0.41
C SER A 11 5.58 -3.71 0.94
N LYS A 12 5.01 -2.85 1.77
CA LYS A 12 4.54 -3.25 3.09
C LYS A 12 3.16 -2.67 3.39
N LYS A 13 3.10 -1.34 3.45
CA LYS A 13 1.83 -0.67 3.74
C LYS A 13 1.03 -0.45 2.47
N LEU A 14 1.25 0.68 1.80
CA LEU A 14 0.53 0.99 0.58
C LEU A 14 0.38 -0.25 -0.28
N ASP A 15 1.46 -1.02 -0.40
CA ASP A 15 1.42 -2.24 -1.19
C ASP A 15 0.67 -3.32 -0.41
N AIB A 16 -0.46 -2.92 0.16
CA AIB A 16 -1.30 -3.82 0.95
C AIB A 16 -2.49 -3.05 1.48
O AIB A 16 -3.55 -3.62 1.78
CB1 AIB A 16 -1.80 -4.97 0.07
CB2 AIB A 16 -0.50 -4.40 2.11
H AIB A 16 -0.75 -1.99 0.06
HB11 AIB A 16 -0.97 -5.53 -0.32
HB12 AIB A 16 -2.38 -4.57 -0.76
HB13 AIB A 16 -2.44 -5.62 0.65
HB21 AIB A 16 0.04 -3.60 2.61
HB22 AIB A 16 0.21 -5.13 1.74
HB23 AIB A 16 -1.17 -4.87 2.81
N ARG A 17 -2.32 -1.74 1.60
CA ARG A 17 -3.38 -0.86 2.08
C ARG A 17 -3.86 0.03 0.94
N ARG A 18 -3.06 0.07 -0.13
CA ARG A 18 -3.38 0.85 -1.30
C ARG A 18 -3.46 -0.11 -2.48
N ALA A 19 -3.27 -1.38 -2.15
CA ALA A 19 -3.28 -2.43 -3.14
C ALA A 19 -4.45 -3.39 -2.87
N GLN A 20 -4.74 -3.59 -1.58
CA GLN A 20 -5.84 -4.48 -1.21
C GLN A 20 -7.18 -3.81 -1.47
N ASP A 21 -7.45 -2.73 -0.75
CA ASP A 21 -8.70 -2.00 -0.91
C ASP A 21 -8.90 -1.62 -2.39
N PHE A 22 -7.86 -1.84 -3.18
CA PHE A 22 -7.91 -1.51 -4.60
C PHE A 22 -8.07 -2.77 -5.46
N VAL A 23 -7.01 -3.59 -5.51
CA VAL A 23 -7.03 -4.80 -6.31
C VAL A 23 -8.21 -5.71 -5.92
N GLN A 24 -9.00 -5.29 -4.95
CA GLN A 24 -10.14 -6.09 -4.53
C GLN A 24 -11.35 -5.82 -5.40
N TRP A 25 -11.30 -4.71 -6.15
CA TRP A 25 -12.40 -4.38 -7.06
C TRP A 25 -11.93 -4.60 -8.48
N LEU A 26 -10.68 -4.26 -8.72
CA LEU A 26 -10.11 -4.41 -10.05
C LEU A 26 -10.37 -5.83 -10.57
N MET A 27 -10.33 -6.80 -9.65
CA MET A 27 -10.54 -8.19 -10.02
C MET A 27 -11.98 -8.61 -9.77
N ASN A 28 -12.83 -7.64 -9.46
CA ASN A 28 -14.24 -7.93 -9.19
C ASN A 28 -15.06 -7.77 -10.47
N THR A 29 -14.48 -7.11 -11.47
CA THR A 29 -15.17 -6.90 -12.74
C THR A 29 -15.07 -8.14 -13.61
N NH2 A 30 -16.08 -8.98 -13.64
HN1 NH2 A 30 -16.88 -8.81 -13.10
HN2 NH2 A 30 -16.03 -9.79 -14.21
N GGL B . 1.57 7.79 8.15
CA GGL B . 0.47 7.11 7.46
C GGL B . -0.61 8.13 7.07
O GGL B . -1.35 7.83 6.14
CB GGL B . -0.15 6.06 8.39
CG GGL B . -1.39 5.47 7.73
CD GGL B . -1.55 4.01 8.13
OE1 GGL B . -2.50 3.64 8.83
OXT GGL B . -0.67 9.18 7.68
H GGL B . 1.65 8.76 8.09
HA GGL B . 0.84 6.63 6.58
HB2 GGL B . -0.43 6.51 9.32
HB3 GGL B . 0.57 5.28 8.56
HG2 GGL B . -2.26 6.02 8.03
HG3 GGL B . -1.30 5.53 6.66
N GGL C . 5.12 7.21 8.64
CA GGL C . 5.33 6.77 10.01
C GGL C . 5.82 5.32 10.03
O GGL C . 5.57 4.61 9.06
CB GGL C . 4.02 6.87 10.80
CG GGL C . 3.04 7.79 10.07
CD GGL C . 2.47 7.10 8.85
OE1 GGL C . 2.86 5.98 8.51
OXT GGL C . 6.46 4.95 10.99
H GGL C . 4.37 7.81 8.43
HA GGL C . 6.07 7.40 10.48
HB2 GGL C . 3.57 5.88 10.89
HB3 GGL C . 4.23 7.26 11.78
HG2 GGL C . 2.23 8.06 10.75
HG3 GGL C . 3.56 8.70 9.77
C1 PLM D . 5.94 6.83 7.66
O2 PLM D . 7.13 7.16 7.60
C2 PLM D . 5.31 6.00 6.54
C3 PLM D . 4.69 6.91 5.49
C4 PLM D . 4.02 6.07 4.41
C5 PLM D . 4.14 6.78 3.06
C6 PLM D . 3.55 8.18 3.17
C7 PLM D . 3.04 8.62 1.80
C8 PLM D . 1.61 8.12 1.60
C9 PLM D . 0.61 9.15 2.12
CA PLM D . -0.82 8.65 1.92
CB PLM D . -1.13 7.50 2.89
CC PLM D . -1.32 6.21 2.10
CD PLM D . -1.45 5.03 3.07
CE PLM D . -1.72 3.74 2.28
CF PLM D . -3.23 3.56 2.08
CG PLM D . -3.92 3.27 3.42
H21 PLM D . 6.07 5.38 6.08
H22 PLM D . 4.54 5.36 6.96
H31 PLM D . 3.95 7.55 5.95
H32 PLM D . 5.46 7.53 5.05
H41 PLM D . 2.98 5.92 4.65
H42 PLM D . 4.52 5.10 4.35
H51 PLM D . 5.19 6.85 2.78
H52 PLM D . 3.61 6.22 2.30
H61 PLM D . 4.30 8.87 3.50
H62 PLM D . 2.73 8.17 3.87
H71 PLM D . 3.05 9.70 1.74
H72 PLM D . 3.67 8.22 1.03
H81 PLM D . 1.48 7.18 2.12
H82 PLM D . 1.43 7.95 0.54
H91 PLM D . 0.81 9.34 3.17
H92 PLM D . 0.75 10.07 1.57
HA1 PLM D . -1.51 9.47 2.11
HA2 PLM D . -0.94 8.31 0.90
HB1 PLM D . -2.04 7.72 3.43
HB2 PLM D . -0.32 7.38 3.59
HC1 PLM D . -2.20 6.28 1.49
HC2 PLM D . -0.46 6.04 1.46
HD1 PLM D . -0.53 4.92 3.63
HD2 PLM D . -2.26 5.22 3.75
HE1 PLM D . -1.32 2.89 2.82
HE2 PLM D . -1.23 3.80 1.32
HF1 PLM D . -3.65 4.45 1.65
HF2 PLM D . -3.40 2.73 1.40
HG1 PLM D . -4.52 4.12 3.70
HG2 PLM D . -4.55 2.39 3.32
HG3 PLM D . -3.18 3.09 4.18
N HIS A 1 1.81 10.67 8.30
CA HIS A 1 2.62 11.85 7.88
C HIS A 1 3.70 12.12 8.93
N AIB A 2 4.88 12.51 8.47
CA AIB A 2 5.98 12.79 9.38
C AIB A 2 7.07 13.59 8.66
O AIB A 2 7.95 14.16 9.29
CB1 AIB A 2 6.58 11.49 9.90
CB2 AIB A 2 5.47 13.61 10.58
H AIB A 2 5.02 12.61 7.51
HB11 AIB A 2 6.76 11.57 10.97
HB12 AIB A 2 7.50 11.28 9.40
HB13 AIB A 2 5.89 10.68 9.72
HB21 AIB A 2 4.60 14.18 10.28
HB22 AIB A 2 6.24 14.29 10.90
HB23 AIB A 2 5.21 12.93 11.38
N GLN A 3 6.99 13.61 7.33
CA GLN A 3 7.98 14.33 6.54
C GLN A 3 9.38 14.12 7.10
N GLY A 4 10.07 13.12 6.57
CA GLY A 4 11.43 12.81 7.02
C GLY A 4 11.44 11.59 7.93
N THR A 5 10.25 11.20 8.40
CA THR A 5 10.13 10.04 9.27
C THR A 5 8.95 9.16 8.85
N PHE A 6 8.25 9.60 7.81
CA PHE A 6 7.10 8.85 7.30
C PHE A 6 7.47 8.11 6.02
N THR A 7 8.42 8.66 5.27
CA THR A 7 8.86 8.03 4.03
C THR A 7 9.49 6.68 4.29
N SER A 8 10.39 6.64 5.27
CA SER A 8 11.08 5.39 5.63
C SER A 8 10.09 4.22 5.61
N ASP A 9 9.31 4.10 6.68
CA ASP A 9 8.34 3.02 6.78
C ASP A 9 7.64 2.81 5.44
N TYR A 10 7.10 3.88 4.88
CA TYR A 10 6.41 3.80 3.60
C TYR A 10 7.16 2.89 2.64
N SER A 11 6.72 1.65 2.53
CA SER A 11 7.36 0.68 1.66
C SER A 11 6.84 -0.73 1.92
N LYS A 12 6.64 -1.04 3.19
CA LYS A 12 6.13 -2.36 3.58
C LYS A 12 4.76 -2.24 4.25
N LYS A 13 3.80 -1.67 3.52
CA LYS A 13 2.46 -1.50 4.06
C LYS A 13 1.51 -1.02 2.97
N LEU A 14 1.83 0.12 2.36
CA LEU A 14 0.99 0.67 1.30
C LEU A 14 0.67 -0.43 0.30
N ASP A 15 1.65 -1.30 0.06
CA ASP A 15 1.47 -2.40 -0.87
C ASP A 15 0.62 -3.48 -0.21
N AIB A 16 -0.54 -3.05 0.29
CA AIB A 16 -1.47 -3.96 0.97
C AIB A 16 -2.64 -3.16 1.50
O AIB A 16 -3.69 -3.71 1.82
CB1 AIB A 16 -1.97 -5.02 -0.01
CB2 AIB A 16 -0.76 -4.66 2.14
H AIB A 16 -0.78 -2.12 0.21
HB11 AIB A 16 -2.61 -4.55 -0.75
HB12 AIB A 16 -2.54 -5.76 0.53
HB13 AIB A 16 -1.13 -5.49 -0.51
HB21 AIB A 16 -1.48 -4.97 2.87
HB22 AIB A 16 -0.06 -3.96 2.60
HB23 AIB A 16 -0.21 -5.51 1.77
N ARG A 17 -2.47 -1.84 1.54
CA ARG A 17 -3.52 -0.94 2.00
C ARG A 17 -3.91 -0.01 0.86
N ARG A 18 -3.01 0.08 -0.13
CA ARG A 18 -3.26 0.89 -1.30
C ARG A 18 -3.28 -0.02 -2.50
N ALA A 19 -3.24 -1.32 -2.19
CA ALA A 19 -3.24 -2.35 -3.19
C ALA A 19 -4.41 -3.30 -2.97
N GLN A 20 -4.70 -3.60 -1.71
CA GLN A 20 -5.82 -4.49 -1.38
C GLN A 20 -7.14 -3.82 -1.72
N ASP A 21 -7.51 -2.81 -0.95
CA ASP A 21 -8.76 -2.09 -1.17
C ASP A 21 -8.88 -1.74 -2.65
N PHE A 22 -7.74 -1.55 -3.31
CA PHE A 22 -7.73 -1.20 -4.72
C PHE A 22 -7.93 -2.45 -5.59
N VAL A 23 -6.89 -3.27 -5.67
CA VAL A 23 -6.96 -4.49 -6.48
C VAL A 23 -8.16 -5.34 -6.09
N GLN A 24 -8.89 -4.90 -5.07
CA GLN A 24 -10.06 -5.64 -4.60
C GLN A 24 -11.26 -5.35 -5.50
N TRP A 25 -11.30 -4.17 -6.09
CA TRP A 25 -12.39 -3.82 -6.98
C TRP A 25 -11.96 -4.02 -8.42
N LEU A 26 -10.72 -3.65 -8.69
CA LEU A 26 -10.20 -3.80 -10.03
C LEU A 26 -10.53 -5.19 -10.58
N MET A 27 -10.48 -6.19 -9.68
CA MET A 27 -10.77 -7.55 -10.08
C MET A 27 -12.23 -7.90 -9.80
N ASN A 28 -12.51 -9.19 -9.66
CA ASN A 28 -13.88 -9.63 -9.39
C ASN A 28 -14.82 -9.20 -10.50
N THR A 29 -14.26 -8.56 -11.53
CA THR A 29 -15.05 -8.10 -12.66
C THR A 29 -15.22 -9.22 -13.69
N NH2 A 30 -14.28 -9.43 -14.56
HN1 NH2 A 30 -13.46 -8.89 -14.54
HN2 NH2 A 30 -14.38 -10.15 -15.23
N GGL B . 3.79 3.67 10.45
CA GGL B . 3.48 3.92 9.05
C GGL B . 4.05 5.27 8.60
O GGL B . 5.26 5.41 8.66
CB GGL B . 1.96 3.92 8.84
CG GGL B . 1.65 4.04 7.34
CD GGL B . 0.30 3.37 7.05
OE1 GGL B . -0.64 3.46 7.84
OXT GGL B . 3.27 6.15 8.33
H GGL B . 4.64 3.22 10.69
HA GGL B . 3.92 3.13 8.45
HB2 GGL B . 1.52 4.74 9.37
HB3 GGL B . 1.55 2.99 9.21
HG2 GGL B . 1.58 5.08 7.08
HG3 GGL B . 2.41 3.57 6.76
N GGL C . 2.47 1.82 12.83
CA GGL C . 3.75 2.30 13.34
C GGL C . 4.21 1.41 14.49
O GGL C . 5.36 1.01 14.48
CB GGL C . 3.62 3.74 13.83
CG GGL C . 3.60 4.70 12.64
CD GGL C . 2.96 4.04 11.43
OE1 GGL C . 1.78 3.70 11.45
OXT GGL C . 3.40 1.12 15.35
H GGL C . 1.64 2.05 13.30
HA GGL C . 4.49 2.26 12.55
HB2 GGL C . 2.69 3.84 14.39
HB3 GGL C . 4.45 3.98 14.47
HG2 GGL C . 3.04 5.59 12.89
HG3 GGL C . 4.62 4.99 12.39
C1 PLM D . 2.41 1.09 11.71
O2 PLM D . 3.01 1.39 10.68
C2 PLM D . 1.64 -0.22 11.81
C3 PLM D . 0.19 0.06 12.23
C4 PLM D . -0.48 0.96 11.19
C5 PLM D . -1.97 0.61 11.10
C6 PLM D . -2.74 1.83 10.58
C7 PLM D . -3.94 1.35 9.76
C8 PLM D . -4.85 2.53 9.44
C9 PLM D . -5.08 2.61 7.93
CA PLM D . -3.78 2.93 7.19
CB PLM D . -4.05 3.89 6.04
CC PLM D . -2.75 4.21 5.30
CD PLM D . -2.49 3.16 4.22
CE PLM D . -1.18 3.49 3.49
CF PLM D . -1.48 4.06 2.10
CG PLM D . -2.18 5.42 2.23
H21 PLM D . 1.66 -0.72 10.86
H22 PLM D . 2.11 -0.85 12.56
H31 PLM D . -0.34 -0.88 12.29
H32 PLM D . 0.18 0.54 13.19
H41 PLM D . -0.02 0.80 10.23
H42 PLM D . -0.37 1.99 11.49
H51 PLM D . -2.10 -0.22 10.42
H52 PLM D . -2.33 0.35 12.08
H61 PLM D . -2.10 2.43 9.97
H62 PLM D . -3.09 2.42 11.42
H71 PLM D . -3.59 0.90 8.84
H72 PLM D . -4.50 0.61 10.33
H81 PLM D . -4.39 3.45 9.78
H82 PLM D . -5.80 2.41 9.94
H91 PLM D . -5.46 1.65 7.57
H92 PLM D . -5.82 3.38 7.71
HA1 PLM D . -3.08 3.39 7.88
HA2 PLM D . -3.34 2.02 6.81
HB1 PLM D . -4.48 4.81 6.42
HB2 PLM D . -4.75 3.43 5.35
HC1 PLM D . -2.82 5.19 4.84
HC2 PLM D . -1.93 4.21 6.01
HD1 PLM D . -2.41 2.19 4.68
HD2 PLM D . -3.31 3.16 3.52
HE1 PLM D . -0.59 2.59 3.38
HE2 PLM D . -0.62 4.22 4.06
HF1 PLM D . -0.56 4.19 1.56
HF2 PLM D . -2.12 3.39 1.55
HG1 PLM D . -3.21 5.27 2.53
HG2 PLM D . -1.68 6.01 2.98
HG3 PLM D . -2.16 5.94 1.28
N HIS A 1 12.29 5.60 19.86
CA HIS A 1 12.43 6.19 18.49
C HIS A 1 11.93 5.18 17.45
N AIB A 2 11.11 5.65 16.52
CA AIB A 2 10.57 4.79 15.48
C AIB A 2 9.73 3.68 16.10
O AIB A 2 10.21 2.94 16.97
CB1 AIB A 2 11.72 4.16 14.69
CB2 AIB A 2 9.70 5.61 14.53
H AIB A 2 10.86 6.60 16.53
HB11 AIB A 2 11.72 3.09 14.84
HB12 AIB A 2 12.66 4.58 15.02
HB13 AIB A 2 11.59 4.37 13.64
HB21 AIB A 2 8.78 5.88 15.03
HB22 AIB A 2 9.48 5.02 13.66
HB23 AIB A 2 10.23 6.51 14.24
N GLN A 3 8.48 3.56 15.65
CA GLN A 3 7.60 2.52 16.17
C GLN A 3 8.03 1.16 15.64
N GLY A 4 9.33 0.91 15.68
CA GLY A 4 9.88 -0.34 15.18
C GLY A 4 10.27 -0.18 13.72
N THR A 5 11.02 0.87 13.42
CA THR A 5 11.43 1.13 12.04
C THR A 5 10.21 1.12 11.15
N PHE A 6 9.05 1.20 11.80
CA PHE A 6 7.79 1.20 11.08
C PHE A 6 7.78 2.23 9.96
N THR A 7 8.80 3.08 9.96
CA THR A 7 8.91 4.11 8.93
C THR A 7 9.54 3.53 7.66
N SER A 8 10.71 2.92 7.80
CA SER A 8 11.39 2.33 6.66
C SER A 8 10.69 1.06 6.22
N ASP A 9 9.80 0.55 7.06
CA ASP A 9 9.06 -0.66 6.73
C ASP A 9 7.64 -0.33 6.28
N TYR A 10 7.46 0.89 5.78
CA TYR A 10 6.15 1.32 5.30
C TYR A 10 5.96 0.95 3.84
N SER A 11 7.06 0.67 3.16
CA SER A 11 7.00 0.29 1.75
C SER A 11 6.04 -0.87 1.54
N LYS A 12 5.57 -1.44 2.65
CA LYS A 12 4.64 -2.57 2.57
C LYS A 12 3.21 -2.10 2.78
N LYS A 13 3.03 -1.13 3.67
CA LYS A 13 1.70 -0.60 3.95
C LYS A 13 0.93 -0.38 2.65
N LEU A 14 1.23 0.73 1.97
CA LEU A 14 0.55 1.05 0.71
C LEU A 14 0.40 -0.22 -0.12
N ASP A 15 1.48 -0.98 -0.23
CA ASP A 15 1.46 -2.21 -1.01
C ASP A 15 0.67 -3.29 -0.25
N AIB A 16 -0.49 -2.89 0.27
CA AIB A 16 -1.33 -3.81 1.03
C AIB A 16 -2.56 -3.04 1.54
O AIB A 16 -3.61 -3.62 1.79
CB1 AIB A 16 -1.80 -4.95 0.13
CB2 AIB A 16 -0.56 -4.38 2.22
H AIB A 16 -0.77 -1.97 0.14
HB11 AIB A 16 -0.95 -5.51 -0.22
HB12 AIB A 16 -2.34 -4.55 -0.71
HB13 AIB A 16 -2.45 -5.61 0.70
HB21 AIB A 16 -1.26 -4.80 2.94
HB22 AIB A 16 0.00 -3.59 2.69
HB23 AIB A 16 0.11 -5.15 1.88
N ARG A 17 -2.39 -1.73 1.67
CA ARG A 17 -3.47 -0.87 2.12
C ARG A 17 -3.91 0.04 0.98
N ARG A 18 -3.09 0.06 -0.07
CA ARG A 18 -3.37 0.85 -1.25
C ARG A 18 -3.41 -0.10 -2.44
N ALA A 19 -3.27 -1.37 -2.11
CA ALA A 19 -3.26 -2.43 -3.11
C ALA A 19 -4.41 -3.39 -2.86
N GLN A 20 -4.75 -3.60 -1.59
CA GLN A 20 -5.84 -4.49 -1.23
C GLN A 20 -7.18 -3.84 -1.52
N ASP A 21 -7.47 -2.76 -0.80
CA ASP A 21 -8.72 -2.04 -0.98
C ASP A 21 -8.89 -1.65 -2.45
N PHE A 22 -7.84 -1.87 -3.24
CA PHE A 22 -7.87 -1.53 -4.65
C PHE A 22 -8.01 -2.78 -5.52
N VAL A 23 -6.95 -3.57 -5.57
CA VAL A 23 -6.94 -4.79 -6.38
C VAL A 23 -8.11 -5.71 -6.02
N GLN A 24 -8.93 -5.30 -5.05
CA GLN A 24 -10.07 -6.12 -4.66
C GLN A 24 -11.27 -5.85 -5.55
N TRP A 25 -11.22 -4.74 -6.28
CA TRP A 25 -12.30 -4.41 -7.20
C TRP A 25 -11.82 -4.62 -8.62
N LEU A 26 -10.56 -4.24 -8.85
CA LEU A 26 -9.98 -4.38 -10.16
C LEU A 26 -10.21 -5.80 -10.69
N MET A 27 -10.17 -6.77 -9.78
CA MET A 27 -10.36 -8.16 -10.17
C MET A 27 -11.81 -8.59 -9.97
N ASN A 28 -12.65 -7.64 -9.53
CA ASN A 28 -14.06 -7.93 -9.31
C ASN A 28 -14.91 -7.43 -10.48
N THR A 29 -14.43 -7.67 -11.69
CA THR A 29 -15.15 -7.24 -12.88
C THR A 29 -15.90 -8.42 -13.50
N NH2 A 30 -15.80 -8.63 -14.78
HN1 NH2 A 30 -15.25 -8.04 -15.34
HN2 NH2 A 30 -16.28 -9.38 -15.19
N GGL B . -2.05 7.09 7.91
CA GGL B . -2.62 5.76 7.69
C GGL B . -4.13 5.83 7.60
O GGL B . -4.73 4.89 7.10
CB GGL B . -2.21 4.83 8.83
CG GGL B . -2.89 3.47 8.64
CD GGL B . -1.99 2.36 9.19
OE1 GGL B . -2.25 1.81 10.26
OXT GGL B . -4.70 6.75 8.19
H GGL B . -1.23 7.18 8.43
HA GGL B . -2.24 5.37 6.75
HB2 GGL B . -2.50 5.25 9.77
HB3 GGL B . -1.13 4.70 8.82
HG2 GGL B . -3.83 3.46 9.17
HG3 GGL B . -3.06 3.29 7.59
N GGL C . -0.66 8.87 9.08
CA GGL C . -1.51 8.70 10.25
C GGL C . -1.13 7.43 11.01
O GGL C . -1.46 7.34 12.18
CB GGL C . -2.98 8.64 9.85
CG GGL C . -3.15 9.19 8.43
CD GGL C . -2.64 8.17 7.41
OE1 GGL C . -2.77 8.37 6.20
OXT GGL C . -0.49 6.58 10.41
H GGL C . -1.05 9.21 8.25
HA GGL C . -1.36 9.56 10.91
HB2 GGL C . -3.31 7.62 9.89
HB3 GGL C . -3.57 9.24 10.53
HG2 GGL C . -4.20 9.38 8.25
HG3 GGL C . -2.60 10.11 8.33
C1 PLM D . 0.64 8.61 9.13
O2 PLM D . 1.40 9.15 9.93
C2 PLM D . 1.17 7.60 8.11
C3 PLM D . 0.89 8.11 6.68
C4 PLM D . 1.54 7.16 5.67
C5 PLM D . 2.60 7.93 4.87
C6 PLM D . 1.92 8.98 4.00
C7 PLM D . 2.06 8.58 2.52
C8 PLM D . 1.38 9.64 1.64
C9 PLM D . 0.44 8.94 0.65
CA PLM D . -0.78 8.40 1.39
CB PLM D . -0.99 6.93 1.01
CC PLM D . -2.36 6.47 1.50
CD PLM D . -2.53 4.96 1.26
CE PLM D . -1.87 4.16 2.39
CF PLM D . -2.94 3.63 3.35
CG PLM D . -3.64 4.80 4.06
H21 PLM D . 2.24 7.50 8.23
H22 PLM D . 0.69 6.66 8.26
H31 PLM D . -0.18 8.12 6.52
H32 PLM D . 1.28 9.10 6.57
H41 PLM D . 0.79 6.78 5.00
H42 PLM D . 2.02 6.35 6.19
H51 PLM D . 3.28 8.42 5.55
H52 PLM D . 3.15 7.24 4.25
H61 PLM D . 2.38 9.94 4.15
H62 PLM D . 0.87 9.04 4.26
H71 PLM D . 3.10 8.51 2.27
H72 PLM D . 1.57 7.62 2.37
H81 PLM D . 2.14 10.18 1.10
H82 PLM D . 0.82 10.31 2.25
H91 PLM D . 0.13 9.66 -0.10
H92 PLM D . 0.97 8.14 0.16
HA1 PLM D . -0.61 8.46 2.46
HA2 PLM D . -1.65 8.97 1.12
HB1 PLM D . -0.22 6.32 1.45
HB2 PLM D . -0.96 6.82 -0.07
HC1 PLM D . -2.45 6.67 2.57
HC2 PLM D . -3.14 7.00 0.98
HD1 PLM D . -3.57 4.71 1.20
HD2 PLM D . -2.04 4.71 0.32
HE1 PLM D . -1.18 4.78 2.94
HE2 PLM D . -1.33 3.32 1.97
HF1 PLM D . -3.68 3.06 2.80
HF2 PLM D . -2.48 2.99 4.09
HG1 PLM D . -4.29 4.42 4.83
HG2 PLM D . -2.89 5.44 4.50
HG3 PLM D . -4.22 5.36 3.35
N HIS A 1 14.66 8.09 9.21
CA HIS A 1 14.85 9.00 10.38
C HIS A 1 13.50 9.42 10.93
N AIB A 2 12.50 9.49 10.05
CA AIB A 2 11.17 9.88 10.46
C AIB A 2 10.80 9.23 11.78
O AIB A 2 10.45 9.90 12.75
CB1 AIB A 2 10.15 9.45 9.40
CB2 AIB A 2 11.09 11.40 10.62
H AIB A 2 12.68 9.27 9.11
HB11 AIB A 2 10.45 8.52 8.97
HB12 AIB A 2 10.10 10.20 8.62
HB13 AIB A 2 9.17 9.34 9.86
HB21 AIB A 2 10.06 11.70 10.74
HB22 AIB A 2 11.51 11.88 9.73
HB23 AIB A 2 11.66 11.70 11.48
N GLN A 3 10.87 7.90 11.81
CA GLN A 3 10.52 7.16 13.02
C GLN A 3 9.05 7.38 13.36
N GLY A 4 8.73 8.59 13.82
CA GLY A 4 7.35 8.91 14.16
C GLY A 4 6.45 8.61 12.96
N THR A 5 7.07 8.63 11.78
CA THR A 5 6.35 8.35 10.55
C THR A 5 7.11 7.29 9.73
N PHE A 6 8.37 7.09 10.09
CA PHE A 6 9.21 6.11 9.42
C PHE A 6 9.32 6.41 7.92
N THR A 7 10.55 6.45 7.43
CA THR A 7 10.78 6.74 6.02
C THR A 7 10.88 5.44 5.21
N SER A 8 12.06 4.83 5.23
CA SER A 8 12.28 3.60 4.49
C SER A 8 11.12 2.63 4.69
N ASP A 9 10.90 2.24 5.95
CA ASP A 9 9.82 1.32 6.27
C ASP A 9 8.57 1.65 5.47
N TYR A 10 8.28 2.94 5.33
CA TYR A 10 7.11 3.38 4.59
C TYR A 10 7.21 2.93 3.13
N SER A 11 6.47 1.88 2.78
CA SER A 11 6.48 1.37 1.42
C SER A 11 5.87 -0.02 1.36
N LYS A 12 6.23 -0.86 2.33
CA LYS A 12 5.72 -2.23 2.39
C LYS A 12 4.31 -2.26 2.96
N LYS A 13 3.71 -1.08 3.11
CA LYS A 13 2.36 -0.97 3.66
C LYS A 13 1.38 -0.59 2.55
N LEU A 14 1.75 0.40 1.74
CA LEU A 14 0.88 0.82 0.65
C LEU A 14 0.59 -0.35 -0.26
N ASP A 15 1.61 -1.17 -0.49
CA ASP A 15 1.46 -2.34 -1.34
C ASP A 15 0.70 -3.42 -0.58
N AIB A 16 -0.43 -3.03 -0.02
CA AIB A 16 -1.28 -3.94 0.75
C AIB A 16 -2.47 -3.15 1.29
O AIB A 16 -3.60 -3.62 1.26
CB1 AIB A 16 -1.79 -5.07 -0.14
CB2 AIB A 16 -0.48 -4.53 1.91
H AIB A 16 -0.71 -2.09 -0.12
HB11 AIB A 16 -2.73 -4.78 -0.59
HB12 AIB A 16 -1.94 -5.95 0.46
HB13 AIB A 16 -1.07 -5.29 -0.91
HB21 AIB A 16 0.16 -5.31 1.55
HB22 AIB A 16 -1.17 -4.93 2.64
HB23 AIB A 16 0.12 -3.75 2.36
N ARG A 17 -2.19 -1.94 1.76
CA ARG A 17 -3.24 -1.08 2.28
C ARG A 17 -3.76 -0.18 1.16
N ARG A 18 -2.95 -0.05 0.12
CA ARG A 18 -3.32 0.75 -1.04
C ARG A 18 -3.41 -0.16 -2.24
N ALA A 19 -3.43 -1.45 -1.94
CA ALA A 19 -3.48 -2.47 -2.96
C ALA A 19 -4.61 -3.46 -2.67
N GLN A 20 -4.87 -3.70 -1.38
CA GLN A 20 -5.94 -4.62 -1.00
C GLN A 20 -7.28 -3.91 -1.06
N ASP A 21 -7.26 -2.59 -0.89
CA ASP A 21 -8.48 -1.80 -0.94
C ASP A 21 -8.71 -1.33 -2.37
N PHE A 22 -7.73 -1.61 -3.22
CA PHE A 22 -7.79 -1.22 -4.62
C PHE A 22 -8.01 -2.44 -5.51
N VAL A 23 -7.01 -3.32 -5.55
CA VAL A 23 -7.10 -4.52 -6.38
C VAL A 23 -8.31 -5.37 -6.01
N GLN A 24 -9.09 -4.89 -5.05
CA GLN A 24 -10.27 -5.63 -4.60
C GLN A 24 -11.47 -5.30 -5.48
N TRP A 25 -11.42 -4.14 -6.14
CA TRP A 25 -12.50 -3.76 -7.02
C TRP A 25 -12.06 -4.00 -8.45
N LEU A 26 -10.80 -3.67 -8.71
CA LEU A 26 -10.25 -3.84 -10.04
C LEU A 26 -10.60 -5.22 -10.57
N MET A 27 -10.55 -6.22 -9.69
CA MET A 27 -10.86 -7.60 -10.08
C MET A 27 -12.34 -7.90 -9.86
N ASN A 28 -12.65 -9.17 -9.66
CA ASN A 28 -14.03 -9.58 -9.43
C ASN A 28 -14.92 -9.13 -10.60
N THR A 29 -14.35 -9.11 -11.80
CA THR A 29 -15.09 -8.70 -12.98
C THR A 29 -14.74 -9.58 -14.17
N NH2 A 30 -15.61 -10.47 -14.60
HN1 NH2 A 30 -16.48 -10.55 -14.15
HN2 NH2 A 30 -15.40 -11.03 -15.36
N GGL B . 3.50 4.76 9.76
CA GGL B . 2.35 4.86 8.86
C GGL B . 1.55 6.12 9.16
O GGL B . 1.55 7.02 8.33
CB GGL B . 1.46 3.64 9.01
CG GGL B . 0.84 3.27 7.66
CD GGL B . -0.09 2.07 7.81
OE1 GGL B . -0.25 1.55 8.92
OXT GGL B . 0.98 6.19 10.24
H GGL B . 4.39 4.95 9.42
HA GGL B . 2.71 4.91 7.84
HB2 GGL B . 0.68 3.84 9.72
HB3 GGL B . 2.05 2.80 9.36
HG2 GGL B . 0.27 4.11 7.29
HG3 GGL B . 1.62 3.04 6.95
N GGL C . 2.57 2.40 12.62
CA GGL C . 3.38 2.89 13.73
C GGL C . 2.50 3.55 14.78
O GGL C . 1.44 4.03 14.43
CB GGL C . 4.42 3.90 13.23
CG GGL C . 4.56 3.79 11.71
CD GGL C . 3.34 4.42 11.03
OE1 GGL C . 2.33 4.69 11.68
OXT GGL C . 2.92 3.59 15.93
H GGL C . 2.13 3.05 12.03
HA GGL C . 3.89 2.05 14.18
HB2 GGL C . 4.10 4.90 13.50
HB3 GGL C . 5.37 3.69 13.69
HG2 GGL C . 5.44 4.32 11.39
HG3 GGL C . 4.63 2.75 11.43
C1 PLM D . 2.40 1.11 12.41
O2 PLM D . 3.17 0.25 12.84
C2 PLM D . 1.24 0.72 11.49
C3 PLM D . 0.12 0.08 12.31
C4 PLM D . -1.14 -0.05 11.44
C5 PLM D . -1.99 1.21 11.58
C6 PLM D . -3.24 1.08 10.70
C7 PLM D . -3.77 2.47 10.37
C8 PLM D . -3.11 3.00 9.09
C9 PLM D . -3.63 4.40 8.77
CA PLM D . -3.83 4.56 7.26
CB PLM D . -2.47 4.48 6.55
CC PLM D . -2.70 4.49 5.03
CD PLM D . -1.38 4.78 4.32
CE PLM D . -1.19 3.82 3.13
CF PLM D . -2.27 4.11 2.07
CG PLM D . -1.64 4.85 0.89
H21 PLM D . 0.87 1.60 11.00
H22 PLM D . 1.59 0.02 10.75
H31 PLM D . 0.43 -0.90 12.65
H32 PLM D . -0.10 0.70 13.17
H41 PLM D . -1.71 -0.91 11.76
H42 PLM D . -0.84 -0.17 10.41
H51 PLM D . -2.29 1.33 12.61
H52 PLM D . -1.42 2.07 11.28
H61 PLM D . -3.99 0.52 11.22
H62 PLM D . -2.98 0.57 9.79
H71 PLM D . -4.84 2.43 10.23
H72 PLM D . -3.55 3.15 11.19
H81 PLM D . -3.34 2.33 8.27
H82 PLM D . -2.04 3.03 9.24
H91 PLM D . -4.58 4.56 9.28
H92 PLM D . -2.92 5.14 9.13
HA1 PLM D . -4.48 3.78 6.90
HA2 PLM D . -4.28 5.52 7.06
HB1 PLM D . -1.98 3.57 6.83
HB2 PLM D . -1.87 5.33 6.83
HC1 PLM D . -3.08 3.54 4.72
HC2 PLM D . -3.41 5.26 4.79
HD1 PLM D . -1.38 5.80 3.96
HD2 PLM D . -0.56 4.65 5.01
HE1 PLM D . -1.28 2.81 3.46
HE2 PLM D . -0.22 3.98 2.69
HF1 PLM D . -2.68 3.17 1.72
HF2 PLM D . -3.05 4.71 2.49
HG1 PLM D . -1.16 5.75 1.25
HG2 PLM D . -0.90 4.22 0.41
HG3 PLM D . -2.41 5.11 0.18
N HIS A 1 5.25 10.21 1.61
CA HIS A 1 5.42 11.11 0.43
C HIS A 1 6.72 11.87 0.55
N AIB A 2 7.36 11.76 1.70
CA AIB A 2 8.62 12.46 1.94
C AIB A 2 9.60 12.18 0.80
O AIB A 2 10.49 12.98 0.52
CB1 AIB A 2 9.25 11.96 3.24
CB2 AIB A 2 8.39 13.96 2.06
H AIB A 2 6.98 11.20 2.42
HB11 AIB A 2 9.67 12.78 3.79
HB12 AIB A 2 10.03 11.25 3.02
HB13 AIB A 2 8.50 11.48 3.85
HB21 AIB A 2 7.68 14.15 2.85
HB22 AIB A 2 7.98 14.33 1.12
HB23 AIB A 2 9.31 14.46 2.26
N GLN A 3 9.42 11.05 0.13
CA GLN A 3 10.29 10.68 -0.98
C GLN A 3 11.67 10.33 -0.46
N GLY A 4 12.34 11.31 0.14
CA GLY A 4 13.68 11.08 0.69
C GLY A 4 13.61 10.14 1.88
N THR A 5 12.56 10.29 2.70
CA THR A 5 12.37 9.43 3.86
C THR A 5 10.93 8.97 3.94
N PHE A 6 10.61 7.92 3.19
CA PHE A 6 9.26 7.39 3.15
C PHE A 6 9.23 6.04 2.45
N THR A 7 10.34 5.70 1.80
CA THR A 7 10.43 4.44 1.08
C THR A 7 10.50 3.27 2.05
N SER A 8 11.15 3.50 3.18
CA SER A 8 11.29 2.46 4.20
C SER A 8 9.94 1.83 4.50
N ASP A 9 8.87 2.46 4.02
CA ASP A 9 7.52 1.95 4.23
C ASP A 9 6.72 2.01 2.94
N TYR A 10 7.14 1.21 1.95
CA TYR A 10 6.45 1.18 0.67
C TYR A 10 6.49 -0.24 0.09
N SER A 11 6.65 -1.22 0.96
CA SER A 11 6.70 -2.62 0.52
C SER A 11 6.04 -3.52 1.55
N LYS A 12 5.39 -2.92 2.54
CA LYS A 12 4.72 -3.68 3.58
C LYS A 12 3.49 -2.92 4.09
N LYS A 13 3.15 -1.83 3.43
CA LYS A 13 2.00 -1.02 3.84
C LYS A 13 1.17 -0.60 2.62
N LEU A 14 1.61 0.44 1.93
CA LEU A 14 0.88 0.91 0.76
C LEU A 14 0.65 -0.26 -0.18
N ASP A 15 1.65 -1.13 -0.30
CA ASP A 15 1.53 -2.30 -1.15
C ASP A 15 0.68 -3.35 -0.44
N AIB A 16 -0.49 -2.91 0.01
CA AIB A 16 -1.42 -3.76 0.72
C AIB A 16 -2.64 -2.93 1.11
O AIB A 16 -3.78 -3.29 0.82
CB1 AIB A 16 -1.88 -4.92 -0.17
CB2 AIB A 16 -0.77 -4.33 1.98
H AIB A 16 -0.74 -1.98 -0.15
HB11 AIB A 16 -1.06 -5.24 -0.80
HB12 AIB A 16 -2.71 -4.61 -0.79
HB13 AIB A 16 -2.19 -5.75 0.45
HB21 AIB A 16 -1.51 -4.75 2.63
HB22 AIB A 16 -0.25 -3.54 2.50
HB23 AIB A 16 -0.06 -5.09 1.70
N ARG A 17 -2.37 -1.80 1.75
CA ARG A 17 -3.44 -0.89 2.15
C ARG A 17 -3.84 -0.01 0.98
N ARG A 18 -2.94 0.11 0.00
CA ARG A 18 -3.20 0.90 -1.19
C ARG A 18 -3.22 -0.02 -2.38
N ALA A 19 -3.38 -1.30 -2.08
CA ALA A 19 -3.39 -2.32 -3.10
C ALA A 19 -4.53 -3.32 -2.86
N GLN A 20 -4.81 -3.59 -1.59
CA GLN A 20 -5.88 -4.53 -1.26
C GLN A 20 -7.24 -3.87 -1.45
N ASP A 21 -7.52 -2.82 -0.68
CA ASP A 21 -8.78 -2.11 -0.80
C ASP A 21 -9.01 -1.69 -2.24
N PHE A 22 -7.98 -1.85 -3.07
CA PHE A 22 -8.05 -1.47 -4.47
C PHE A 22 -8.19 -2.70 -5.38
N VAL A 23 -7.11 -3.47 -5.47
CA VAL A 23 -7.11 -4.66 -6.31
C VAL A 23 -8.24 -5.62 -5.95
N GLN A 24 -9.04 -5.27 -4.95
CA GLN A 24 -10.15 -6.12 -4.55
C GLN A 24 -11.38 -5.85 -5.41
N TRP A 25 -11.38 -4.72 -6.10
CA TRP A 25 -12.49 -4.38 -6.98
C TRP A 25 -12.04 -4.53 -8.42
N LEU A 26 -10.79 -4.15 -8.67
CA LEU A 26 -10.26 -4.22 -10.01
C LEU A 26 -10.46 -5.64 -10.57
N MET A 27 -10.36 -6.64 -9.70
CA MET A 27 -10.54 -8.02 -10.12
C MET A 27 -11.96 -8.49 -9.87
N ASN A 28 -12.84 -7.55 -9.53
CA ASN A 28 -14.24 -7.88 -9.27
C ASN A 28 -15.08 -7.65 -10.53
N THR A 29 -14.46 -7.84 -11.68
CA THR A 29 -15.18 -7.64 -12.95
C THR A 29 -14.81 -8.74 -13.94
N NH2 A 30 -15.66 -9.07 -14.86
HN1 NH2 A 30 -16.53 -8.62 -14.92
HN2 NH2 A 30 -15.44 -9.78 -15.51
N GGL B . 3.77 5.39 9.21
CA GGL B . 3.70 5.12 7.78
C GGL B . 4.45 6.21 7.00
O GGL B . 3.84 7.23 6.71
CB GGL B . 2.25 5.08 7.31
CG GGL B . 2.19 5.08 5.79
CD GGL B . 0.99 4.27 5.31
OE1 GGL B . -0.12 4.79 5.21
OXT GGL B . 5.60 5.99 6.68
H GGL B . 3.26 6.14 9.58
HA GGL B . 4.17 4.17 7.57
HB2 GGL B . 1.71 5.94 7.70
HB3 GGL B . 1.78 4.18 7.69
HG2 GGL B . 2.10 6.10 5.44
HG3 GGL B . 3.09 4.65 5.39
N GGL C . 0.41 2.85 11.56
CA GGL C . 1.77 2.87 12.09
C GGL C . 1.74 3.03 13.61
O GGL C . 0.66 3.07 14.15
CB GGL C . 2.55 4.04 11.48
CG GGL C . 3.76 3.49 10.71
CD GGL C . 4.50 4.63 10.02
OE1 GGL C . 5.68 4.84 10.23
OXT GGL C . 2.81 3.07 14.19
H GGL C . -0.35 3.04 12.15
HA GGL C . 2.26 1.95 11.83
HB2 GGL C . 1.90 4.57 10.78
HB3 GGL C . 2.87 4.70 12.25
HG2 GGL C . 3.43 2.77 9.98
HG3 GGL C . 4.43 3.00 11.41
C1 PLM D . 0.17 2.55 10.28
O2 PLM D . 1.06 2.52 9.42
C2 PLM D . -1.26 2.18 9.92
C3 PLM D . -2.09 3.44 9.72
C4 PLM D . -1.73 4.07 8.36
C5 PLM D . -2.56 5.34 8.16
C6 PLM D . -1.61 6.50 7.80
C7 PLM D . -2.44 7.77 7.57
C8 PLM D . -2.86 7.85 6.10
C9 PLM D . -1.79 8.57 5.29
CA PLM D . -2.20 8.61 3.81
CB PLM D . -1.05 8.08 2.95
CC PLM D . -0.87 6.58 3.19
CD PLM D . -1.25 5.81 1.92
CE PLM D . -1.26 4.31 2.22
CF PLM D . -2.66 3.90 2.68
CG PLM D . -3.54 3.62 1.46
H21 PLM D . -1.26 1.59 9.02
H22 PLM D . -1.69 1.60 10.73
H31 PLM D . -3.14 3.20 9.73
H32 PLM D . -1.87 4.15 10.50
H41 PLM D . -1.96 3.36 7.57
H42 PLM D . -0.68 4.30 8.34
H51 PLM D . -3.26 5.20 7.36
H52 PLM D . -3.08 5.58 9.06
H61 PLM D . -1.07 6.25 6.89
H62 PLM D . -0.91 6.66 8.60
H71 PLM D . -3.31 7.75 8.20
H72 PLM D . -1.83 8.64 7.82
H81 PLM D . -3.79 8.40 6.03
H82 PLM D . -3.01 6.85 5.71
H91 PLM D . -1.67 9.58 5.66
H92 PLM D . -0.85 8.04 5.39
HA1 PLM D . -3.07 7.99 3.67
HA2 PLM D . -2.42 9.62 3.52
HB1 PLM D . -0.14 8.60 3.21
HB2 PLM D . -1.27 8.25 1.91
HC1 PLM D . 0.16 6.38 3.45
HC2 PLM D . -1.51 6.26 4.00
HD1 PLM D . -2.23 6.12 1.58
HD2 PLM D . -0.52 6.02 1.15
HE1 PLM D . -0.55 4.09 3.00
HE2 PLM D . -1.00 3.75 1.33
HF1 PLM D . -2.59 3.02 3.29
HF2 PLM D . -3.10 4.69 3.26
HG1 PLM D . -3.19 4.20 0.63
HG2 PLM D . -3.49 2.57 1.22
HG3 PLM D . -4.56 3.88 1.69
N HIS A 1 5.31 14.21 2.09
CA HIS A 1 6.16 13.26 2.86
C HIS A 1 5.78 11.83 2.47
N AIB A 2 6.76 11.05 2.05
CA AIB A 2 6.52 9.67 1.65
C AIB A 2 7.78 9.07 1.02
O AIB A 2 8.45 8.23 1.62
CB1 AIB A 2 5.37 9.62 0.65
CB2 AIB A 2 6.13 8.85 2.89
H AIB A 2 7.68 11.41 1.98
HB11 AIB A 2 5.36 10.52 0.06
HB12 AIB A 2 4.43 9.53 1.17
HB13 AIB A 2 5.50 8.76 0.00
HB21 AIB A 2 5.61 7.96 2.57
HB22 AIB A 2 5.49 9.44 3.52
HB23 AIB A 2 7.01 8.56 3.43
N GLN A 3 8.08 9.50 -0.20
CA GLN A 3 9.25 9.00 -0.90
C GLN A 3 10.50 9.09 -0.02
N GLY A 4 10.35 9.76 1.12
CA GLY A 4 11.48 9.91 2.05
C GLY A 4 11.16 9.31 3.41
N THR A 5 9.92 8.86 3.59
CA THR A 5 9.51 8.27 4.86
C THR A 5 8.70 6.98 4.64
N PHE A 6 8.72 6.48 3.41
CA PHE A 6 8.00 5.25 3.09
C PHE A 6 8.95 4.06 3.09
N THR A 7 10.21 4.30 2.73
CA THR A 7 11.21 3.24 2.69
C THR A 7 11.05 2.31 3.89
N SER A 8 11.39 2.81 5.08
CA SER A 8 11.30 2.01 6.30
C SER A 8 9.84 1.83 6.72
N ASP A 9 8.93 1.87 5.74
CA ASP A 9 7.51 1.71 6.03
C ASP A 9 6.76 1.25 4.78
N TYR A 10 7.50 0.75 3.80
CA TYR A 10 6.89 0.29 2.55
C TYR A 10 6.85 -1.23 2.52
N SER A 11 6.29 -1.78 1.44
CA SER A 11 6.19 -3.23 1.29
C SER A 11 5.44 -3.82 2.48
N LYS A 12 4.64 -2.99 3.14
CA LYS A 12 3.88 -3.45 4.30
C LYS A 12 2.52 -2.75 4.37
N LYS A 13 2.52 -1.44 4.14
CA LYS A 13 1.27 -0.68 4.20
C LYS A 13 0.73 -0.41 2.79
N LEU A 14 1.13 0.72 2.20
CA LEU A 14 0.64 1.05 0.87
C LEU A 14 0.63 -0.18 -0.01
N ASP A 15 1.64 -1.03 0.15
CA ASP A 15 1.69 -2.25 -0.63
C ASP A 15 0.72 -3.28 -0.04
N AIB A 16 -0.47 -2.79 0.26
CA AIB A 16 -1.53 -3.62 0.84
C AIB A 16 -2.75 -2.73 1.11
O AIB A 16 -3.87 -3.06 0.70
CB1 AIB A 16 -1.91 -4.76 -0.10
CB2 AIB A 16 -1.04 -4.21 2.17
H AIB A 16 -0.66 -1.85 0.09
HB11 AIB A 16 -2.66 -4.41 -0.79
HB12 AIB A 16 -2.30 -5.59 0.47
HB13 AIB A 16 -1.04 -5.08 -0.65
HB21 AIB A 16 -0.33 -5.01 1.97
HB22 AIB A 16 -1.89 -4.62 2.71
HB23 AIB A 16 -0.57 -3.45 2.77
N ARG A 17 -2.52 -1.61 1.77
CA ARG A 17 -3.59 -0.67 2.06
C ARG A 17 -3.91 0.17 0.81
N ARG A 18 -2.99 0.15 -0.15
CA ARG A 18 -3.17 0.88 -1.39
C ARG A 18 -3.15 -0.10 -2.53
N ALA A 19 -3.37 -1.35 -2.19
CA ALA A 19 -3.35 -2.43 -3.16
C ALA A 19 -4.47 -3.43 -2.88
N GLN A 20 -4.79 -3.61 -1.60
CA GLN A 20 -5.85 -4.54 -1.23
C GLN A 20 -7.21 -3.92 -1.49
N ASP A 21 -7.50 -2.82 -0.80
CA ASP A 21 -8.78 -2.14 -0.97
C ASP A 21 -8.97 -1.73 -2.43
N PHE A 22 -7.94 -1.97 -3.24
CA PHE A 22 -7.98 -1.63 -4.65
C PHE A 22 -8.09 -2.88 -5.52
N VAL A 23 -7.02 -3.65 -5.59
CA VAL A 23 -7.00 -4.86 -6.41
C VAL A 23 -8.13 -5.81 -6.04
N GLN A 24 -8.94 -5.43 -5.05
CA GLN A 24 -10.05 -6.28 -4.65
C GLN A 24 -11.27 -6.03 -5.51
N TRP A 25 -11.26 -4.91 -6.25
CA TRP A 25 -12.36 -4.59 -7.13
C TRP A 25 -11.91 -4.76 -8.57
N LEU A 26 -10.66 -4.37 -8.81
CA LEU A 26 -10.10 -4.48 -10.14
C LEU A 26 -10.31 -5.89 -10.67
N MET A 27 -10.22 -6.88 -9.78
CA MET A 27 -10.39 -8.28 -10.18
C MET A 27 -11.82 -8.74 -9.95
N ASN A 28 -12.68 -7.81 -9.52
CA ASN A 28 -14.08 -8.14 -9.27
C ASN A 28 -14.95 -7.67 -10.42
N THR A 29 -14.42 -6.76 -11.23
CA THR A 29 -15.17 -6.24 -12.38
C THR A 29 -15.44 -7.35 -13.39
N NH2 A 30 -14.89 -7.29 -14.56
HN1 NH2 A 30 -14.30 -6.53 -14.79
HN2 NH2 A 30 -15.05 -8.00 -15.23
N GGL B . 4.30 4.79 9.77
CA GGL B . 3.26 5.13 8.80
C GGL B . 2.17 5.98 9.46
O GGL B . 1.75 5.64 10.55
CB GGL B . 2.63 3.84 8.25
CG GGL B . 1.53 4.19 7.26
CD GGL B . 0.16 3.96 7.87
OE1 GGL B . -0.45 4.88 8.40
OXT GGL B . 1.74 6.93 8.82
H GGL B . 5.25 4.91 9.52
HA GGL B . 3.70 5.68 7.99
HB2 GGL B . 2.21 3.26 9.06
HB3 GGL B . 3.39 3.25 7.76
HG2 GGL B . 1.63 5.23 6.97
HG3 GGL B . 1.63 3.57 6.37
N GGL C . 2.29 3.20 12.76
CA GGL C . 3.40 2.73 13.57
C GGL C . 3.56 3.61 14.82
O GGL C . 2.64 4.35 15.12
CB GGL C . 4.70 2.75 12.77
CG GGL C . 4.40 2.91 11.28
CD GGL C . 4.00 4.35 10.98
OE1 GGL C . 3.63 5.09 11.89
OXT GGL C . 4.58 3.49 15.47
H GGL C . 2.39 4.04 12.25
HA GGL C . 3.19 1.72 13.89
HB2 GGL C . 5.32 3.56 13.11
HB3 GGL C . 5.23 1.82 12.93
HG2 GGL C . 5.28 2.66 10.70
HG3 GGL C . 3.59 2.25 11.00
C1 PLM D . 1.12 2.57 12.76
O2 PLM D . 0.75 1.86 13.69
C2 PLM D . 0.23 2.79 11.53
C3 PLM D . -1.25 2.70 11.93
C4 PLM D . -2.12 2.93 10.70
C5 PLM D . -2.42 4.43 10.57
C6 PLM D . -3.22 4.68 9.29
C7 PLM D . -3.17 6.16 8.94
C8 PLM D . -3.91 6.41 7.62
C9 PLM D . -2.94 6.24 6.44
CA PLM D . -2.27 7.57 6.15
CB PLM D . -1.07 7.36 5.22
CC PLM D . -1.55 6.89 3.84
CD PLM D . -1.26 5.40 3.68
CE PLM D . -1.84 4.90 2.36
CF PLM D . -3.28 4.42 2.59
CG PLM D . -3.89 3.98 1.25
H21 PLM D . 0.44 3.76 11.11
H22 PLM D . 0.46 2.03 10.80
H31 PLM D . -1.45 1.71 12.34
H32 PLM D . -1.46 3.44 12.68
H41 PLM D . -3.05 2.39 10.81
H42 PLM D . -1.60 2.58 9.82
H51 PLM D . -2.99 4.76 11.42
H52 PLM D . -1.49 4.98 10.52
H61 PLM D . -4.25 4.38 9.44
H62 PLM D . -2.79 4.10 8.49
H71 PLM D . -3.63 6.74 9.72
H72 PLM D . -2.13 6.47 8.83
H81 PLM D . -4.31 7.41 7.62
H82 PLM D . -4.72 5.69 7.53
H91 PLM D . -2.20 5.50 6.69
H92 PLM D . -3.50 5.91 5.58
HA1 PLM D . -2.98 8.25 5.68
HA2 PLM D . -1.92 8.01 7.08
HB1 PLM D . -0.42 6.61 5.65
HB2 PLM D . -0.52 8.29 5.11
HC1 PLM D . -2.61 7.05 3.74
HC2 PLM D . -1.02 7.43 3.07
HD1 PLM D . -0.19 5.23 3.68
HD2 PLM D . -1.70 4.85 4.51
HE1 PLM D . -1.25 4.08 1.98
HE2 PLM D . -1.84 5.70 1.64
HF1 PLM D . -3.28 3.59 3.28
HF2 PLM D . -3.87 5.23 3.00
HG1 PLM D . -3.71 4.73 0.50
HG2 PLM D . -3.44 3.04 0.95
HG3 PLM D . -4.95 3.83 1.37
N HIS A 1 4.96 11.87 18.17
CA HIS A 1 6.40 12.15 17.90
C HIS A 1 6.63 12.19 16.39
N AIB A 2 6.75 11.02 15.79
CA AIB A 2 6.97 10.93 14.34
C AIB A 2 8.34 11.46 13.99
O AIB A 2 9.29 11.30 14.74
CB1 AIB A 2 5.90 11.73 13.61
CB2 AIB A 2 6.86 9.46 13.90
H AIB A 2 6.68 10.19 16.31
HB11 AIB A 2 6.22 12.76 13.52
HB12 AIB A 2 4.97 11.69 14.16
HB13 AIB A 2 5.75 11.33 12.62
HB21 AIB A 2 5.99 9.34 13.27
HB22 AIB A 2 6.77 8.83 14.77
HB23 AIB A 2 7.75 9.19 13.34
N GLN A 3 8.44 12.11 12.82
CA GLN A 3 9.70 12.68 12.35
C GLN A 3 10.89 11.84 12.79
N GLY A 4 10.80 10.54 12.55
CA GLY A 4 11.87 9.63 12.92
C GLY A 4 11.36 8.19 12.98
N THR A 5 10.04 8.05 12.99
CA THR A 5 9.42 6.73 13.03
C THR A 5 8.26 6.65 12.05
N PHE A 6 7.99 7.77 11.37
CA PHE A 6 6.91 7.82 10.40
C PHE A 6 7.44 7.53 8.99
N THR A 7 8.77 7.41 8.88
CA THR A 7 9.39 7.14 7.59
C THR A 7 9.60 5.64 7.41
N SER A 8 10.50 5.07 8.20
CA SER A 8 10.78 3.64 8.12
C SER A 8 9.56 2.82 8.48
N ASP A 9 8.57 2.81 7.58
CA ASP A 9 7.35 2.07 7.81
C ASP A 9 6.27 2.50 6.84
N TYR A 10 6.51 3.61 6.15
CA TYR A 10 5.54 4.12 5.17
C TYR A 10 5.83 3.56 3.79
N SER A 11 7.07 3.73 3.33
CA SER A 11 7.47 3.24 2.01
C SER A 11 7.06 1.78 1.82
N LYS A 12 6.63 1.14 2.91
CA LYS A 12 6.21 -0.26 2.85
C LYS A 12 4.90 -0.45 3.59
N LYS A 13 3.80 -0.18 2.91
CA LYS A 13 2.48 -0.34 3.52
C LYS A 13 1.40 -0.14 2.46
N LEU A 14 1.56 0.91 1.64
CA LEU A 14 0.60 1.20 0.59
C LEU A 14 0.37 -0.05 -0.25
N ASP A 15 1.39 -0.89 -0.30
CA ASP A 15 1.31 -2.13 -1.07
C ASP A 15 0.46 -3.15 -0.33
N AIB A 16 -0.40 -2.65 0.56
CA AIB A 16 -1.29 -3.49 1.35
C AIB A 16 -2.49 -2.65 1.81
O AIB A 16 -3.40 -3.15 2.46
CB1 AIB A 16 -1.80 -4.66 0.51
CB2 AIB A 16 -0.55 -4.03 2.58
H AIB A 16 -0.44 -1.67 0.69
HB11 AIB A 16 -1.86 -4.36 -0.52
HB12 AIB A 16 -2.77 -4.96 0.87
HB13 AIB A 16 -1.11 -5.49 0.60
HB21 AIB A 16 0.19 -3.31 2.89
HB22 AIB A 16 -0.08 -4.96 2.33
HB23 AIB A 16 -1.25 -4.20 3.38
N ARG A 17 -2.46 -1.37 1.44
CA ARG A 17 -3.52 -0.45 1.78
C ARG A 17 -3.98 0.28 0.53
N ARG A 18 -3.16 0.19 -0.52
CA ARG A 18 -3.47 0.82 -1.79
C ARG A 18 -3.50 -0.27 -2.83
N ALA A 19 -3.32 -1.49 -2.36
CA ALA A 19 -3.31 -2.66 -3.21
C ALA A 19 -4.43 -3.61 -2.81
N GLN A 20 -4.70 -3.70 -1.50
CA GLN A 20 -5.77 -4.57 -1.02
C GLN A 20 -7.13 -4.01 -1.40
N ASP A 21 -7.55 -2.97 -0.70
CA ASP A 21 -8.83 -2.35 -0.99
C ASP A 21 -8.93 -2.03 -2.48
N PHE A 22 -7.79 -2.10 -3.17
CA PHE A 22 -7.75 -1.81 -4.59
C PHE A 22 -7.92 -3.09 -5.41
N VAL A 23 -6.89 -3.93 -5.43
CA VAL A 23 -6.94 -5.18 -6.18
C VAL A 23 -8.16 -6.01 -5.80
N GLN A 24 -8.96 -5.53 -4.85
CA GLN A 24 -10.14 -6.26 -4.43
C GLN A 24 -11.31 -5.95 -5.36
N TRP A 25 -11.22 -4.85 -6.09
CA TRP A 25 -12.27 -4.49 -7.03
C TRP A 25 -11.79 -4.75 -8.43
N LEU A 26 -10.51 -4.48 -8.65
CA LEU A 26 -9.92 -4.68 -9.96
C LEU A 26 -10.23 -6.09 -10.46
N MET A 27 -10.28 -7.04 -9.53
CA MET A 27 -10.54 -8.43 -9.87
C MET A 27 -12.02 -8.78 -9.70
N ASN A 28 -12.85 -7.77 -9.49
CA ASN A 28 -14.29 -8.00 -9.33
C ASN A 28 -15.02 -7.76 -10.64
N THR A 29 -15.00 -6.52 -11.11
CA THR A 29 -15.67 -6.17 -12.35
C THR A 29 -14.65 -6.03 -13.48
N NH2 A 30 -13.43 -5.69 -13.20
HN1 NH2 A 30 -13.16 -5.52 -12.28
HN2 NH2 A 30 -12.77 -5.60 -13.93
N GGL B . 0.02 4.34 8.83
CA GGL B . 0.48 5.56 8.18
C GGL B . 0.42 6.74 9.15
O GGL B . -0.18 6.58 10.20
CB GGL B . -0.36 5.87 6.94
CG GGL B . -1.73 5.23 7.07
CD GGL B . -1.70 3.77 6.58
OE1 GGL B . -2.69 3.27 6.05
OXT GGL B . 0.99 7.77 8.83
H GGL B . -0.78 3.89 8.50
HA GGL B . 1.50 5.41 7.87
HB2 GGL B . 0.14 5.49 6.06
HB3 GGL B . -0.47 6.94 6.84
HG2 GGL B . -2.02 5.25 8.11
HG3 GGL B . -2.45 5.78 6.49
N GGL C . -0.67 -0.44 11.30
CA GGL C . 0.61 0.27 11.30
C GGL C . 1.42 -0.10 12.54
O GGL C . 0.82 -0.47 13.54
CB GGL C . 0.38 1.78 11.27
CG GGL C . 0.84 2.35 9.93
CD GGL C . 0.64 3.85 9.90
OE1 GGL C . 1.01 4.56 10.84
OXT GGL C . 2.64 0.04 12.50
H GGL C . -1.12 -0.62 12.15
HA GGL C . 1.17 -0.02 10.43
HB2 GGL C . -0.68 1.98 11.39
HB3 GGL C . 0.92 2.25 12.07
HG2 GGL C . 0.28 1.88 9.13
HG3 GGL C . 1.89 2.12 9.80
C1 PLM D . -1.23 -0.84 10.16
O2 PLM D . -0.60 -0.94 9.12
C2 PLM D . -2.70 -1.23 10.24
C3 PLM D . -3.57 0.03 10.31
C4 PLM D . -3.72 0.61 8.89
C5 PLM D . -4.61 1.86 8.95
C6 PLM D . -5.28 2.06 7.58
C7 PLM D . -5.89 3.46 7.52
C8 PLM D . -6.57 3.67 6.17
C9 PLM D . -6.47 5.14 5.75
CA PLM D . -5.15 5.37 5.02
CB PLM D . -5.25 4.90 3.56
CC PLM D . -4.00 4.07 3.21
CD PLM D . -2.75 4.97 3.33
CE PLM D . -1.69 4.50 2.32
CF PLM D . -2.14 4.84 0.89
CG PLM D . -1.09 5.72 0.22
H21 PLM D . -2.96 -1.81 9.37
H22 PLM D . -2.86 -1.82 11.13
H31 PLM D . -4.55 -0.23 10.69
H32 PLM D . -3.11 0.76 10.94
H41 PLM D . -4.18 -0.13 8.25
H42 PLM D . -2.75 0.87 8.50
H51 PLM D . -5.37 1.72 9.70
H52 PLM D . -4.00 2.72 9.18
H61 PLM D . -6.06 1.33 7.45
H62 PLM D . -4.54 1.96 6.80
H71 PLM D . -6.61 3.58 8.31
H72 PLM D . -5.11 4.20 7.64
H81 PLM D . -7.61 3.39 6.25
H82 PLM D . -6.09 3.04 5.43
H91 PLM D . -7.30 5.39 5.09
H92 PLM D . -6.51 5.76 6.63
HA1 PLM D . -4.92 6.44 5.02
HA2 PLM D . -4.36 4.84 5.52
HB1 PLM D . -5.32 5.74 2.90
HB2 PLM D . -6.12 4.27 3.44
HC1 PLM D . -3.91 3.24 3.89
HC2 PLM D . -4.09 3.70 2.19
HD1 PLM D . -3.01 5.99 3.13
HD2 PLM D . -2.35 4.87 4.33
HE1 PLM D . -1.55 3.43 2.40
HE2 PLM D . -0.76 5.00 2.52
HF1 PLM D . -2.26 3.93 0.33
HF2 PLM D . -3.08 5.37 0.92
HG1 PLM D . -1.35 5.87 -0.82
HG2 PLM D . -1.05 6.68 0.72
HG3 PLM D . -0.12 5.25 0.28
N HIS A 1 9.74 10.05 18.00
CA HIS A 1 9.02 11.19 17.39
C HIS A 1 8.67 10.85 15.93
N AIB A 2 7.38 10.83 15.63
CA AIB A 2 6.92 10.52 14.28
C AIB A 2 7.81 11.22 13.25
O AIB A 2 8.10 10.66 12.20
CB1 AIB A 2 5.47 10.99 14.10
CB2 AIB A 2 6.97 9.01 14.05
H AIB A 2 6.72 11.02 16.33
HB11 AIB A 2 5.32 11.26 13.07
HB12 AIB A 2 5.30 11.85 14.73
HB13 AIB A 2 4.81 10.19 14.38
HB21 AIB A 2 7.02 8.50 15.01
HB22 AIB A 2 7.85 8.75 13.48
HB23 AIB A 2 6.09 8.69 13.52
N GLN A 3 8.24 12.43 13.56
CA GLN A 3 9.09 13.18 12.65
C GLN A 3 10.48 12.55 12.58
N GLY A 4 10.52 11.23 12.57
CA GLY A 4 11.79 10.51 12.50
C GLY A 4 11.56 9.02 12.31
N THR A 5 10.29 8.60 12.32
CA THR A 5 9.95 7.19 12.14
C THR A 5 8.74 7.02 11.22
N PHE A 6 7.89 8.04 11.16
CA PHE A 6 6.71 7.97 10.31
C PHE A 6 7.11 7.84 8.84
N THR A 7 8.39 8.08 8.56
CA THR A 7 8.90 7.99 7.20
C THR A 7 9.58 6.64 6.97
N SER A 8 10.43 6.25 7.92
CA SER A 8 11.14 4.98 7.80
C SER A 8 10.18 3.81 8.00
N ASP A 9 8.89 4.10 7.96
CA ASP A 9 7.88 3.06 8.13
C ASP A 9 6.72 3.26 7.15
N TYR A 10 6.93 4.15 6.19
CA TYR A 10 5.90 4.43 5.20
C TYR A 10 6.20 3.71 3.89
N SER A 11 6.73 2.49 4.00
CA SER A 11 7.06 1.69 2.83
C SER A 11 6.26 0.38 2.83
N LYS A 12 5.89 -0.07 4.02
CA LYS A 12 5.12 -1.31 4.14
C LYS A 12 3.69 -1.02 4.61
N LYS A 13 2.88 -0.48 3.71
CA LYS A 13 1.49 -0.15 4.03
C LYS A 13 0.69 0.04 2.76
N LEU A 14 1.19 0.90 1.87
CA LEU A 14 0.49 1.15 0.61
C LEU A 14 0.31 -0.16 -0.15
N ASP A 15 1.38 -0.96 -0.17
CA ASP A 15 1.32 -2.25 -0.85
C ASP A 15 0.51 -3.24 -0.02
N AIB A 16 -0.69 -2.81 0.37
CA AIB A 16 -1.58 -3.64 1.16
C AIB A 16 -2.82 -2.83 1.50
O AIB A 16 -3.92 -3.39 1.64
CB1 AIB A 16 -1.99 -4.89 0.37
CB2 AIB A 16 -0.88 -4.06 2.45
H AIB A 16 -0.98 -1.90 0.11
HB11 AIB A 16 -1.11 -5.42 0.06
HB12 AIB A 16 -2.55 -4.58 -0.50
HB13 AIB A 16 -2.60 -5.52 1.00
HB21 AIB A 16 -0.19 -4.87 2.24
HB22 AIB A 16 -1.62 -4.40 3.17
HB23 AIB A 16 -0.34 -3.22 2.87
N ARG A 17 -2.65 -1.52 1.61
CA ARG A 17 -3.76 -0.63 1.91
C ARG A 17 -4.11 0.17 0.66
N ARG A 18 -3.18 0.16 -0.29
CA ARG A 18 -3.38 0.84 -1.55
C ARG A 18 -3.32 -0.20 -2.66
N ALA A 19 -3.25 -1.44 -2.21
CA ALA A 19 -3.17 -2.57 -3.11
C ALA A 19 -4.34 -3.52 -2.88
N GLN A 20 -4.68 -3.73 -1.61
CA GLN A 20 -5.79 -4.62 -1.28
C GLN A 20 -7.10 -4.01 -1.75
N ASP A 21 -7.57 -3.00 -1.03
CA ASP A 21 -8.81 -2.33 -1.39
C ASP A 21 -8.87 -2.10 -2.91
N PHE A 22 -7.70 -1.88 -3.50
CA PHE A 22 -7.62 -1.65 -4.93
C PHE A 22 -7.76 -2.96 -5.71
N VAL A 23 -6.73 -3.79 -5.67
CA VAL A 23 -6.76 -5.06 -6.37
C VAL A 23 -7.95 -5.91 -5.93
N GLN A 24 -8.74 -5.38 -5.00
CA GLN A 24 -9.90 -6.11 -4.50
C GLN A 24 -11.11 -5.86 -5.39
N TRP A 25 -11.17 -4.70 -6.02
CA TRP A 25 -12.29 -4.40 -6.91
C TRP A 25 -11.85 -4.61 -8.34
N LEU A 26 -10.60 -4.26 -8.61
CA LEU A 26 -10.07 -4.41 -9.95
C LEU A 26 -10.32 -5.82 -10.46
N MET A 27 -10.30 -6.79 -9.54
CA MET A 27 -10.51 -8.18 -9.91
C MET A 27 -11.95 -8.62 -9.61
N ASN A 28 -12.80 -7.66 -9.25
CA ASN A 28 -14.19 -7.96 -8.95
C ASN A 28 -15.04 -7.89 -10.22
N THR A 29 -15.06 -6.71 -10.84
CA THR A 29 -15.84 -6.52 -12.06
C THR A 29 -14.94 -6.58 -13.28
N NH2 A 30 -13.68 -6.28 -13.17
HN1 NH2 A 30 -13.31 -6.01 -12.30
HN2 NH2 A 30 -13.09 -6.31 -13.96
N GGL B . 2.78 3.01 9.93
CA GGL B . 2.94 3.92 8.81
C GGL B . 3.64 5.20 9.25
O GGL B . 3.55 6.18 8.53
CB GGL B . 1.58 4.25 8.21
CG GGL B . 1.72 4.41 6.69
CD GGL B . 0.37 4.80 6.08
OE1 GGL B . -0.15 5.88 6.34
OXT GGL B . 4.23 5.19 10.32
H GGL B . 2.89 3.35 10.85
HA GGL B . 3.55 3.43 8.05
HB2 GGL B . 1.23 5.17 8.63
HB3 GGL B . 0.88 3.46 8.42
HG2 GGL B . 2.44 5.17 6.47
HG3 GGL B . 2.05 3.48 6.26
N GGL C . -1.25 2.03 11.55
CA GGL C . 0.00 1.87 10.81
C GGL C . -0.28 1.34 9.40
O GGL C . -1.08 1.94 8.71
CB GGL C . 0.92 0.90 11.57
CG GGL C . 2.36 0.87 11.01
CD GGL C . 2.50 1.72 9.75
OE1 GGL C . 2.41 1.21 8.63
OXT GGL C . 0.27 0.29 9.07
H GGL C . -1.75 1.24 11.82
HA GGL C . 0.48 2.84 10.75
HB2 GGL C . 0.97 1.20 12.61
HB3 GGL C . 0.50 -0.09 11.52
HG2 GGL C . 3.04 1.24 11.75
HG3 GGL C . 2.61 -0.15 10.76
C1 PLM D . -1.72 3.24 11.83
O2 PLM D . -1.14 4.04 12.54
C2 PLM D . -3.09 3.58 11.25
C3 PLM D . -3.08 4.98 10.65
C4 PLM D . -2.11 5.03 9.46
C5 PLM D . -2.37 6.29 8.63
C6 PLM D . -3.41 5.99 7.55
C7 PLM D . -4.11 7.28 7.14
C8 PLM D . -3.06 8.27 6.60
C9 PLM D . -3.69 9.10 5.48
CA PLM D . -3.64 8.31 4.17
CB PLM D . -2.42 8.73 3.35
CC PLM D . -2.21 7.77 2.19
CD PLM D . -1.32 6.61 2.64
CE PLM D . -1.63 5.36 1.82
CF PLM D . -2.91 4.69 2.35
CG PLM D . -3.84 4.35 1.17
H21 PLM D . -3.35 2.86 10.48
H22 PLM D . -3.84 3.53 12.03
H31 PLM D . -4.07 5.24 10.30
H32 PLM D . -2.76 5.69 11.39
H41 PLM D . -2.26 4.15 8.85
H42 PLM D . -1.09 5.04 9.82
H51 PLM D . -2.74 7.07 9.28
H52 PLM D . -1.45 6.60 8.16
H61 PLM D . -4.14 5.29 7.95
H62 PLM D . -2.92 5.54 6.69
H71 PLM D . -4.83 7.07 6.36
H72 PLM D . -4.61 7.71 8.00
H81 PLM D . -2.22 7.72 6.22
H82 PLM D . -2.75 8.92 7.40
H91 PLM D . -4.72 9.34 5.72
H92 PLM D . -3.13 10.02 5.36
HA1 PLM D . -3.58 7.26 4.38
HA2 PLM D . -4.55 8.51 3.60
HB1 PLM D . -1.55 8.73 3.99
HB2 PLM D . -2.57 9.73 2.96
HC1 PLM D . -3.17 7.38 1.87
HC2 PLM D . -1.75 8.28 1.37
HD1 PLM D . -0.28 6.87 2.50
HD2 PLM D . -1.49 6.40 3.69
HE1 PLM D . -0.82 4.66 1.90
HE2 PLM D . -1.79 5.63 0.78
HF1 PLM D . -2.65 3.78 2.87
HF2 PLM D . -3.43 5.35 3.01
HG1 PLM D . -4.62 3.69 1.50
HG2 PLM D . -4.26 5.26 0.77
HG3 PLM D . -3.26 3.85 0.40
N HIS A 1 9.59 8.10 -5.47
CA HIS A 1 11.02 8.55 -5.59
C HIS A 1 11.89 7.74 -4.64
N AIB A 2 13.18 7.98 -4.69
CA AIB A 2 14.13 7.27 -3.82
C AIB A 2 13.97 5.76 -3.98
O AIB A 2 14.11 5.01 -3.02
CB1 AIB A 2 13.87 7.66 -2.35
CB2 AIB A 2 15.56 7.67 -4.18
H AIB A 2 13.53 8.64 -5.32
HB11 AIB A 2 14.30 6.92 -1.70
HB12 AIB A 2 12.81 7.72 -2.18
HB13 AIB A 2 14.33 8.62 -2.16
HB21 AIB A 2 15.93 8.36 -3.45
HB22 AIB A 2 15.56 8.14 -5.16
HB23 AIB A 2 16.18 6.79 -4.20
N GLN A 3 13.69 5.32 -5.19
CA GLN A 3 13.53 3.89 -5.46
C GLN A 3 14.64 3.11 -4.75
N GLY A 4 15.73 3.81 -4.45
CA GLY A 4 16.85 3.17 -3.77
C GLY A 4 16.69 3.25 -2.26
N THR A 5 16.09 4.34 -1.80
CA THR A 5 15.88 4.54 -0.36
C THR A 5 14.39 4.46 -0.02
N PHE A 6 13.63 3.80 -0.89
CA PHE A 6 12.20 3.65 -0.67
C PHE A 6 11.94 2.44 0.25
N THR A 7 12.46 1.30 -0.16
CA THR A 7 12.28 0.07 0.61
C THR A 7 12.51 0.34 2.10
N SER A 8 12.18 -0.64 2.93
CA SER A 8 12.34 -0.50 4.37
C SER A 8 11.21 0.36 4.94
N ASP A 9 10.56 1.13 4.06
CA ASP A 9 9.46 1.98 4.48
C ASP A 9 8.30 1.86 3.49
N TYR A 10 8.48 0.99 2.51
CA TYR A 10 7.45 0.78 1.49
C TYR A 10 7.37 -0.71 1.14
N SER A 11 6.31 -1.08 0.43
CA SER A 11 6.11 -2.48 0.03
C SER A 11 5.52 -3.27 1.19
N LYS A 12 5.15 -2.57 2.27
CA LYS A 12 4.57 -3.21 3.44
C LYS A 12 3.24 -2.57 3.81
N LYS A 13 3.11 -1.27 3.54
CA LYS A 13 1.88 -0.55 3.86
C LYS A 13 1.05 -0.31 2.61
N LEU A 14 1.25 0.82 1.94
CA LEU A 14 0.50 1.15 0.73
C LEU A 14 0.34 -0.10 -0.13
N ASP A 15 1.40 -0.89 -0.24
CA ASP A 15 1.35 -2.11 -1.03
C ASP A 15 0.61 -3.19 -0.25
N AIB A 16 -0.53 -2.81 0.31
CA AIB A 16 -1.36 -3.72 1.09
C AIB A 16 -2.59 -2.98 1.57
O AIB A 16 -3.60 -3.59 1.96
CB1 AIB A 16 -1.79 -4.91 0.23
CB2 AIB A 16 -0.57 -4.24 2.30
H AIB A 16 -0.83 -1.89 0.19
HB11 AIB A 16 -2.48 -5.53 0.79
HB12 AIB A 16 -0.92 -5.50 -0.04
HB13 AIB A 16 -2.28 -4.55 -0.66
HB21 AIB A 16 0.20 -4.91 1.97
HB22 AIB A 16 -1.24 -4.77 2.97
HB23 AIB A 16 -0.12 -3.41 2.82
N ARG A 17 -2.52 -1.66 1.51
CA ARG A 17 -3.64 -0.81 1.92
C ARG A 17 -4.07 0.03 0.73
N ARG A 18 -3.19 0.09 -0.28
CA ARG A 18 -3.48 0.82 -1.50
C ARG A 18 -3.48 -0.18 -2.63
N ALA A 19 -3.29 -1.43 -2.25
CA ALA A 19 -3.26 -2.53 -3.18
C ALA A 19 -4.40 -3.50 -2.92
N GLN A 20 -4.70 -3.71 -1.63
CA GLN A 20 -5.79 -4.60 -1.26
C GLN A 20 -7.13 -4.00 -1.66
N ASP A 21 -7.50 -2.91 -0.99
CA ASP A 21 -8.76 -2.24 -1.29
C ASP A 21 -8.88 -1.98 -2.79
N PHE A 22 -7.73 -1.84 -3.45
CA PHE A 22 -7.71 -1.58 -4.88
C PHE A 22 -7.88 -2.88 -5.67
N VAL A 23 -6.84 -3.71 -5.67
CA VAL A 23 -6.89 -4.98 -6.40
C VAL A 23 -8.08 -5.82 -5.96
N GLN A 24 -8.86 -5.29 -5.01
CA GLN A 24 -10.02 -6.02 -4.50
C GLN A 24 -11.22 -5.79 -5.41
N TRP A 25 -11.25 -4.64 -6.08
CA TRP A 25 -12.36 -4.34 -6.98
C TRP A 25 -11.92 -4.62 -8.40
N LEU A 26 -10.66 -4.31 -8.68
CA LEU A 26 -10.13 -4.52 -10.02
C LEU A 26 -10.41 -5.95 -10.47
N MET A 27 -10.35 -6.89 -9.53
CA MET A 27 -10.61 -8.29 -9.86
C MET A 27 -12.06 -8.66 -9.57
N ASN A 28 -12.88 -7.66 -9.29
CA ASN A 28 -14.30 -7.91 -9.02
C ASN A 28 -15.13 -7.72 -10.28
N THR A 29 -14.75 -6.75 -11.10
CA THR A 29 -15.47 -6.47 -12.34
C THR A 29 -14.87 -7.27 -13.48
N NH2 A 30 -15.59 -8.14 -14.12
HN1 NH2 A 30 -16.52 -8.30 -13.84
HN2 NH2 A 30 -15.21 -8.66 -14.86
N GGL B . 0.30 6.76 9.60
CA GGL B . -0.35 6.27 8.39
C GGL B . -1.33 7.32 7.86
O GGL B . -2.48 7.29 8.26
CB GGL B . -1.10 4.97 8.68
CG GGL B . -2.03 4.63 7.51
CD GGL B . -2.16 3.12 7.37
OE1 GGL B . -3.08 2.51 7.91
OXT GGL B . -0.89 8.19 7.12
H GGL B . 0.34 7.72 9.76
HA GGL B . 0.39 6.08 7.64
HB2 GGL B . -1.70 5.09 9.58
HB3 GGL B . -0.39 4.17 8.83
HG2 GGL B . -3.01 5.06 7.68
HG3 GGL B . -1.62 5.05 6.60
N GGL C . 4.12 3.45 9.75
CA GGL C . 2.96 4.33 9.88
C GGL C . 2.51 4.82 8.50
O GGL C . 2.68 5.99 8.22
CB GGL C . 3.35 5.55 10.76
CG GGL C . 2.12 6.40 11.15
CD GGL C . 0.84 5.92 10.48
OE1 GGL C . 0.21 4.96 10.96
OXT GGL C . 2.09 3.98 7.72
H GGL C . 4.71 3.31 10.52
HA GGL C . 2.16 3.79 10.35
HB2 GGL C . 3.83 5.18 11.66
HB3 GGL C . 4.05 6.16 10.22
HG2 GGL C . 2.00 6.36 12.22
HG3 GGL C . 2.30 7.42 10.86
C1 PLM D . 4.37 2.83 8.61
O2 PLM D . 3.55 2.14 8.01
C2 PLM D . 5.79 2.98 8.07
C3 PLM D . 6.03 4.41 7.61
C4 PLM D . 5.74 4.53 6.11
C5 PLM D . 5.42 5.98 5.76
C6 PLM D . 5.17 6.10 4.25
C7 PLM D . 4.29 7.31 3.98
C8 PLM D . 2.82 6.89 3.98
C9 PLM D . 1.93 8.14 3.96
CA PLM D . 0.58 7.80 3.30
CB PLM D . -0.13 6.72 4.13
CC PLM D . -1.51 6.45 3.53
CD PLM D . -1.41 5.43 2.40
CE PLM D . -1.75 4.04 2.92
CF PLM D . -3.26 3.89 3.12
CG PLM D . -3.55 3.29 4.49
H21 PLM D . 6.49 2.73 8.84
H22 PLM D . 5.93 2.30 7.23
H31 PLM D . 5.38 5.07 8.15
H32 PLM D . 7.06 4.69 7.80
H41 PLM D . 4.89 3.90 5.86
H42 PLM D . 6.60 4.20 5.54
H51 PLM D . 4.54 6.30 6.30
H52 PLM D . 6.26 6.61 6.04
H61 PLM D . 4.68 5.21 3.90
H62 PLM D . 6.12 6.22 3.74
H71 PLM D . 4.44 8.06 4.75
H72 PLM D . 4.54 7.74 3.02
H81 PLM D . 2.62 6.31 4.87
H82 PLM D . 2.62 6.29 3.10
H91 PLM D . 1.76 8.47 4.97
H92 PLM D . 2.41 8.92 3.40
HA1 PLM D . -0.03 8.69 3.26
HA2 PLM D . 0.75 7.44 2.30
HB1 PLM D . -0.24 7.06 5.15
HB2 PLM D . 0.45 5.81 4.12
HC1 PLM D . -2.16 6.05 4.31
HC2 PLM D . -1.94 7.37 3.16
HD1 PLM D . -2.11 5.70 1.61
HD2 PLM D . -0.41 5.44 2.00
HE1 PLM D . -1.25 3.88 3.86
HE2 PLM D . -1.41 3.30 2.21
HF1 PLM D . -3.73 4.86 3.04
HF2 PLM D . -3.66 3.25 2.35
HG1 PLM D . -3.37 4.04 5.25
HG2 PLM D . -4.58 2.98 4.53
HG3 PLM D . -2.91 2.45 4.66
#